data_1DQ3
#
_entry.id   1DQ3
#
_cell.length_a   56.550
_cell.length_b   85.280
_cell.length_c   65.410
_cell.angle_alpha   90.00
_cell.angle_beta   112.94
_cell.angle_gamma   90.00
#
_symmetry.space_group_name_H-M   'P 1 21 1'
#
loop_
_entity.id
_entity.type
_entity.pdbx_description
1 polymer ENDONUCLEASE
2 non-polymer 'ZINC ION'
3 water water
#
_entity_poly.entity_id   1
_entity_poly.type   'polypeptide(L)'
_entity_poly.pdbx_seq_one_letter_code
;CIDGKAKIIFENEGEEHLTTMEEMYERYKHLGEFYDEEYNRWGIDVSNVPIYVKSFDPESKRVVKGKVNVIWKYELGKDV
TKYEIITNKGTKILTSPWHPFFVLTPDFKIVEKRADELKEGDILIGGMPDGEDYKFIFDYWLAGFIAGDGCFDKYHSHVK
GHEYIYDRLRIYDYRIETFEIINDYLEKTFGRKYSIQKDRNIYYIDIKARNITSHYLKLLEGIDNGIPPQILKEGKNAVL
SFIAGLFDAEGHVSNKPGIELGMVNKRLIEDVTHYLNALGIKARIREKLRKDGIDYVLHVEEYSSLLRFYELIGKNLQNE
EKREKLEKVLSNHKGGNFGLPLNFNAFKEWASEYGVEFKTNGSQTIAIINDERISLGQWHTRNRVSKAVLVKMLRKLYEA
TKDEEVKRMLHLIEGLEVVRHITTTNEPRTFYDLTVENYQNYLAGENGMIFVHN
;
_entity_poly.pdbx_strand_id   A
#
# COMPACT_ATOMS: atom_id res chain seq x y z
N CYS A 1 -20.56 9.77 -1.63
CA CYS A 1 -20.30 9.53 -0.19
C CYS A 1 -20.10 8.04 0.10
N ILE A 2 -19.19 7.74 1.03
CA ILE A 2 -18.89 6.35 1.38
C ILE A 2 -18.90 6.10 2.89
N ASP A 3 -18.98 4.82 3.25
CA ASP A 3 -19.03 4.41 4.65
C ASP A 3 -17.87 4.93 5.50
N GLY A 4 -18.19 5.32 6.73
CA GLY A 4 -17.19 5.86 7.64
C GLY A 4 -16.03 4.97 8.00
N LYS A 5 -16.16 3.67 7.78
CA LYS A 5 -15.10 2.74 8.14
C LYS A 5 -14.00 2.63 7.08
N ALA A 6 -14.20 3.27 5.94
CA ALA A 6 -13.22 3.24 4.88
C ALA A 6 -11.98 3.97 5.37
N LYS A 7 -10.80 3.43 5.04
CA LYS A 7 -9.54 4.05 5.45
C LYS A 7 -9.13 5.08 4.43
N ILE A 8 -8.41 6.10 4.88
CA ILE A 8 -7.96 7.15 3.97
C ILE A 8 -6.63 7.72 4.42
N ILE A 9 -5.78 8.07 3.46
CA ILE A 9 -4.49 8.65 3.78
C ILE A 9 -4.51 10.11 3.35
N PHE A 10 -4.07 11.01 4.24
CA PHE A 10 -4.04 12.44 3.91
C PHE A 10 -2.88 13.13 4.59
N GLU A 11 -2.52 14.32 4.12
CA GLU A 11 -1.43 15.04 4.73
C GLU A 11 -1.78 16.50 5.04
N ASN A 12 -0.97 17.09 5.93
CA ASN A 12 -1.13 18.48 6.34
C ASN A 12 0.12 19.24 5.90
N GLU A 13 1.03 19.48 6.84
CA GLU A 13 2.28 20.19 6.55
C GLU A 13 3.33 19.14 6.23
N GLY A 14 3.06 18.34 5.19
CA GLY A 14 3.97 17.29 4.79
C GLY A 14 3.80 16.09 5.71
N GLU A 15 2.99 16.30 6.75
CA GLU A 15 2.69 15.31 7.76
C GLU A 15 1.53 14.41 7.33
N GLU A 16 1.80 13.13 7.11
CA GLU A 16 0.76 12.19 6.68
C GLU A 16 0.03 11.54 7.83
N HIS A 17 -1.20 11.13 7.56
CA HIS A 17 -2.05 10.45 8.53
C HIS A 17 -2.79 9.35 7.80
N LEU A 18 -3.20 8.35 8.57
CA LEU A 18 -3.94 7.21 8.07
C LEU A 18 -5.01 6.94 9.11
N THR A 19 -6.25 7.22 8.76
CA THR A 19 -7.39 7.05 9.66
C THR A 19 -8.62 6.66 8.84
N THR A 20 -9.73 6.42 9.51
CA THR A 20 -10.97 6.11 8.81
C THR A 20 -11.61 7.44 8.47
N MET A 21 -12.65 7.41 7.65
CA MET A 21 -13.35 8.63 7.28
C MET A 21 -14.02 9.27 8.51
N GLU A 22 -14.56 8.45 9.40
CA GLU A 22 -15.21 8.97 10.60
C GLU A 22 -14.22 9.81 11.40
N GLU A 23 -13.11 9.18 11.75
CA GLU A 23 -12.05 9.82 12.53
C GLU A 23 -11.54 11.09 11.90
N MET A 24 -11.54 11.14 10.58
CA MET A 24 -11.07 12.32 9.89
C MET A 24 -12.05 13.48 10.16
N TYR A 25 -13.34 13.15 10.18
CA TYR A 25 -14.37 14.15 10.44
C TYR A 25 -14.22 14.61 11.90
N GLU A 26 -14.18 13.65 12.81
CA GLU A 26 -14.03 13.92 14.24
C GLU A 26 -12.79 14.75 14.58
N ARG A 27 -11.74 14.58 13.78
CA ARG A 27 -10.48 15.28 13.99
C ARG A 27 -10.52 16.77 13.69
N TYR A 28 -11.41 17.19 12.82
CA TYR A 28 -11.51 18.60 12.47
C TYR A 28 -12.84 19.23 12.85
N LYS A 29 -13.64 18.50 13.61
CA LYS A 29 -14.94 18.96 14.05
C LYS A 29 -14.85 20.28 14.81
N HIS A 30 -13.80 20.43 15.61
CA HIS A 30 -13.60 21.64 16.41
C HIS A 30 -13.62 22.92 15.57
N LEU A 31 -13.24 22.82 14.31
CA LEU A 31 -13.24 24.00 13.44
C LEU A 31 -14.67 24.46 13.20
N GLY A 32 -15.63 23.72 13.73
CA GLY A 32 -17.03 24.07 13.57
C GLY A 32 -17.68 23.46 12.34
N GLU A 33 -18.78 22.76 12.56
CA GLU A 33 -19.49 22.14 11.46
C GLU A 33 -20.82 22.85 11.19
N PHE A 34 -21.13 23.06 9.92
CA PHE A 34 -22.35 23.74 9.53
C PHE A 34 -23.35 22.75 8.93
N TYR A 35 -24.64 23.05 9.08
CA TYR A 35 -25.68 22.18 8.55
C TYR A 35 -26.25 22.74 7.26
N ASP A 36 -26.22 21.94 6.20
CA ASP A 36 -26.75 22.34 4.90
C ASP A 36 -28.20 21.86 4.87
N GLU A 37 -29.10 22.72 5.34
CA GLU A 37 -30.52 22.40 5.42
C GLU A 37 -31.11 21.85 4.11
N GLU A 38 -30.70 22.42 2.97
CA GLU A 38 -31.21 21.97 1.66
C GLU A 38 -30.86 20.51 1.34
N TYR A 39 -29.62 20.12 1.61
CA TYR A 39 -29.17 18.76 1.32
C TYR A 39 -29.06 17.85 2.53
N ASN A 40 -29.63 18.29 3.65
CA ASN A 40 -29.63 17.52 4.88
C ASN A 40 -28.26 16.87 5.18
N ARG A 41 -27.20 17.66 5.11
CA ARG A 41 -25.87 17.13 5.38
C ARG A 41 -25.06 18.08 6.27
N TRP A 42 -24.12 17.53 7.02
CA TRP A 42 -23.28 18.35 7.89
C TRP A 42 -21.93 18.53 7.21
N GLY A 43 -21.38 19.73 7.29
CA GLY A 43 -20.10 19.98 6.66
C GLY A 43 -19.11 20.64 7.58
N ILE A 44 -17.87 20.76 7.08
CA ILE A 44 -16.79 21.39 7.82
C ILE A 44 -15.88 22.01 6.77
N ASP A 45 -15.70 23.32 6.83
CA ASP A 45 -14.84 23.99 5.87
C ASP A 45 -13.40 23.91 6.31
N VAL A 46 -12.59 23.23 5.51
CA VAL A 46 -11.19 23.05 5.81
C VAL A 46 -10.35 23.64 4.68
N SER A 47 -10.98 24.49 3.88
CA SER A 47 -10.30 25.12 2.76
C SER A 47 -9.07 25.89 3.20
N ASN A 48 -9.11 26.46 4.40
CA ASN A 48 -7.98 27.21 4.93
C ASN A 48 -6.97 26.30 5.61
N VAL A 49 -7.43 25.11 5.98
CA VAL A 49 -6.56 24.12 6.61
C VAL A 49 -5.98 23.30 5.46
N PRO A 50 -4.65 23.37 5.26
CA PRO A 50 -4.07 22.58 4.17
C PRO A 50 -4.24 21.08 4.36
N ILE A 51 -5.21 20.50 3.67
CA ILE A 51 -5.44 19.07 3.74
C ILE A 51 -5.37 18.53 2.33
N TYR A 52 -4.52 17.53 2.13
CA TYR A 52 -4.34 16.95 0.82
C TYR A 52 -4.56 15.45 0.81
N VAL A 53 -5.16 14.96 -0.27
CA VAL A 53 -5.42 13.54 -0.43
C VAL A 53 -4.80 13.09 -1.74
N LYS A 54 -4.81 11.79 -1.99
CA LYS A 54 -4.27 11.28 -3.25
C LYS A 54 -5.42 11.28 -4.24
N SER A 55 -5.22 11.97 -5.35
CA SER A 55 -6.25 12.09 -6.37
C SER A 55 -5.76 11.56 -7.72
N PHE A 56 -6.69 11.09 -8.54
CA PHE A 56 -6.36 10.59 -9.86
C PHE A 56 -6.73 11.65 -10.91
N ASP A 57 -5.81 11.93 -11.82
CA ASP A 57 -6.08 12.90 -12.88
C ASP A 57 -6.35 12.14 -14.17
N PRO A 58 -7.64 12.00 -14.53
CA PRO A 58 -8.06 11.29 -15.75
C PRO A 58 -7.39 11.84 -17.01
N GLU A 59 -7.08 13.13 -16.98
CA GLU A 59 -6.44 13.79 -18.11
C GLU A 59 -5.03 13.25 -18.37
N SER A 60 -4.10 13.55 -17.46
CA SER A 60 -2.72 13.11 -17.61
C SER A 60 -2.53 11.64 -17.22
N LYS A 61 -3.57 11.07 -16.59
CA LYS A 61 -3.54 9.68 -16.18
C LYS A 61 -2.47 9.39 -15.14
N ARG A 62 -2.34 10.27 -14.17
CA ARG A 62 -1.37 10.03 -13.12
C ARG A 62 -1.97 10.42 -11.79
N VAL A 63 -1.27 10.06 -10.72
CA VAL A 63 -1.72 10.34 -9.37
C VAL A 63 -1.18 11.68 -8.95
N VAL A 64 -2.07 12.55 -8.49
CA VAL A 64 -1.72 13.89 -8.06
C VAL A 64 -2.21 14.17 -6.64
N LYS A 65 -1.75 15.27 -6.07
CA LYS A 65 -2.14 15.68 -4.72
C LYS A 65 -3.39 16.56 -4.84
N GLY A 66 -4.46 16.15 -4.19
CA GLY A 66 -5.70 16.91 -4.27
C GLY A 66 -6.06 17.67 -3.01
N LYS A 67 -6.45 18.93 -3.19
CA LYS A 67 -6.84 19.82 -2.10
C LYS A 67 -8.27 19.57 -1.63
N VAL A 68 -8.44 19.32 -0.34
CA VAL A 68 -9.77 19.10 0.22
C VAL A 68 -10.29 20.45 0.73
N ASN A 69 -11.54 20.78 0.41
CA ASN A 69 -12.09 22.04 0.87
C ASN A 69 -13.20 21.90 1.89
N VAL A 70 -13.90 20.77 1.83
CA VAL A 70 -15.00 20.52 2.75
C VAL A 70 -15.12 19.02 3.03
N ILE A 71 -15.35 18.67 4.29
CA ILE A 71 -15.54 17.29 4.69
C ILE A 71 -17.02 17.18 5.00
N TRP A 72 -17.71 16.25 4.34
CA TRP A 72 -19.13 16.08 4.56
C TRP A 72 -19.50 14.84 5.35
N LYS A 73 -20.63 14.93 6.04
CA LYS A 73 -21.14 13.82 6.82
C LYS A 73 -22.62 13.70 6.41
N TYR A 74 -23.03 12.50 6.03
CA TYR A 74 -24.41 12.26 5.61
C TYR A 74 -25.08 11.20 6.45
N GLU A 75 -26.41 11.21 6.43
CA GLU A 75 -27.20 10.23 7.16
C GLU A 75 -28.14 9.70 6.12
N LEU A 76 -27.85 8.52 5.59
CA LEU A 76 -28.71 7.93 4.57
C LEU A 76 -29.61 6.85 5.17
N GLY A 77 -30.91 6.96 4.86
CA GLY A 77 -31.87 6.00 5.37
C GLY A 77 -32.43 5.06 4.31
N LYS A 78 -33.43 4.28 4.73
CA LYS A 78 -34.07 3.30 3.89
C LYS A 78 -34.69 3.83 2.61
N ASP A 79 -34.70 5.14 2.44
CA ASP A 79 -35.25 5.70 1.20
C ASP A 79 -34.23 5.53 0.05
N VAL A 80 -33.00 5.19 0.42
CA VAL A 80 -31.95 5.00 -0.58
C VAL A 80 -31.23 3.65 -0.39
N THR A 81 -31.05 2.94 -1.50
CA THR A 81 -30.38 1.65 -1.43
C THR A 81 -28.84 1.80 -1.56
N LYS A 82 -28.10 1.31 -0.57
CA LYS A 82 -26.62 1.39 -0.59
C LYS A 82 -26.01 0.23 -1.40
N TYR A 83 -24.95 0.53 -2.15
CA TYR A 83 -24.27 -0.48 -2.97
C TYR A 83 -22.91 -0.88 -2.42
N GLU A 84 -22.76 -2.15 -2.07
CA GLU A 84 -21.48 -2.65 -1.57
C GLU A 84 -20.74 -3.28 -2.75
N ILE A 85 -19.52 -2.80 -2.97
CA ILE A 85 -18.70 -3.30 -4.07
C ILE A 85 -17.41 -3.95 -3.57
N ILE A 86 -17.18 -5.19 -4.01
CA ILE A 86 -15.99 -5.96 -3.62
C ILE A 86 -15.21 -6.35 -4.87
N THR A 87 -13.90 -6.09 -4.87
CA THR A 87 -13.07 -6.45 -6.01
C THR A 87 -12.40 -7.82 -5.82
N ASN A 88 -11.70 -8.27 -6.84
CA ASN A 88 -10.98 -9.54 -6.83
C ASN A 88 -9.95 -9.57 -5.70
N LYS A 89 -9.37 -8.41 -5.45
CA LYS A 89 -8.34 -8.21 -4.43
C LYS A 89 -8.89 -8.28 -3.01
N GLY A 90 -10.22 -8.17 -2.88
CA GLY A 90 -10.84 -8.20 -1.58
C GLY A 90 -11.22 -6.79 -1.13
N THR A 91 -10.83 -5.79 -1.91
CA THR A 91 -11.14 -4.39 -1.60
C THR A 91 -12.65 -4.17 -1.46
N LYS A 92 -13.05 -3.49 -0.39
CA LYS A 92 -14.45 -3.22 -0.13
C LYS A 92 -14.80 -1.73 -0.16
N ILE A 93 -15.88 -1.41 -0.86
CA ILE A 93 -16.36 -0.04 -0.99
C ILE A 93 -17.89 0.02 -0.85
N LEU A 94 -18.36 0.55 0.28
CA LEU A 94 -19.81 0.69 0.50
C LEU A 94 -20.13 2.14 0.18
N THR A 95 -21.00 2.35 -0.80
CA THR A 95 -21.34 3.70 -1.25
C THR A 95 -22.81 3.89 -1.60
N SER A 96 -23.10 5.06 -2.17
CA SER A 96 -24.45 5.43 -2.59
C SER A 96 -24.64 5.05 -4.06
N PRO A 97 -25.91 4.89 -4.50
CA PRO A 97 -26.28 4.52 -5.87
C PRO A 97 -25.75 5.41 -6.98
N TRP A 98 -25.67 6.70 -6.72
CA TRP A 98 -25.21 7.64 -7.74
C TRP A 98 -23.72 7.87 -7.72
N HIS A 99 -23.04 7.40 -6.67
CA HIS A 99 -21.61 7.59 -6.55
C HIS A 99 -20.87 6.96 -7.74
N PRO A 100 -20.15 7.77 -8.52
CA PRO A 100 -19.42 7.26 -9.69
C PRO A 100 -17.97 6.80 -9.44
N PHE A 101 -17.55 5.81 -10.21
CA PHE A 101 -16.19 5.25 -10.11
C PHE A 101 -15.50 5.41 -11.45
N PHE A 102 -14.18 5.40 -11.45
CA PHE A 102 -13.42 5.49 -12.68
C PHE A 102 -13.32 4.06 -13.23
N VAL A 103 -13.79 3.87 -14.45
CA VAL A 103 -13.77 2.56 -15.09
C VAL A 103 -12.92 2.59 -16.36
N LEU A 104 -12.11 1.56 -16.56
CA LEU A 104 -11.29 1.45 -17.76
C LEU A 104 -12.06 0.51 -18.68
N THR A 105 -12.40 1.01 -19.87
CA THR A 105 -13.15 0.23 -20.85
C THR A 105 -12.20 -0.61 -21.71
N PRO A 106 -12.72 -1.64 -22.39
CA PRO A 106 -11.91 -2.51 -23.26
C PRO A 106 -11.03 -1.74 -24.24
N ASP A 107 -11.52 -0.59 -24.70
CA ASP A 107 -10.79 0.25 -25.65
C ASP A 107 -9.80 1.19 -24.97
N PHE A 108 -9.49 0.92 -23.72
CA PHE A 108 -8.54 1.72 -22.94
C PHE A 108 -8.97 3.16 -22.72
N LYS A 109 -10.27 3.36 -22.49
CA LYS A 109 -10.78 4.70 -22.23
C LYS A 109 -11.31 4.76 -20.80
N ILE A 110 -11.07 5.88 -20.14
CA ILE A 110 -11.53 6.05 -18.77
C ILE A 110 -12.86 6.78 -18.75
N VAL A 111 -13.86 6.17 -18.12
CA VAL A 111 -15.18 6.77 -18.04
C VAL A 111 -15.72 6.61 -16.64
N GLU A 112 -16.69 7.43 -16.30
CA GLU A 112 -17.31 7.41 -14.99
C GLU A 112 -18.62 6.66 -15.04
N LYS A 113 -18.82 5.76 -14.10
CA LYS A 113 -20.05 4.99 -14.02
C LYS A 113 -20.48 4.97 -12.58
N ARG A 114 -21.77 5.19 -12.34
CA ARG A 114 -22.29 5.18 -11.00
C ARG A 114 -22.33 3.77 -10.45
N ALA A 115 -22.34 3.66 -9.13
CA ALA A 115 -22.36 2.38 -8.46
C ALA A 115 -23.48 1.45 -8.92
N ASP A 116 -24.65 2.00 -9.26
CA ASP A 116 -25.75 1.15 -9.69
C ASP A 116 -25.61 0.66 -11.14
N GLU A 117 -24.64 1.20 -11.86
CA GLU A 117 -24.40 0.81 -13.25
C GLU A 117 -23.31 -0.26 -13.32
N LEU A 118 -22.52 -0.41 -12.26
CA LEU A 118 -21.44 -1.39 -12.24
C LEU A 118 -21.94 -2.81 -12.31
N LYS A 119 -21.10 -3.68 -12.83
CA LYS A 119 -21.42 -5.10 -12.95
C LYS A 119 -20.14 -5.90 -12.78
N GLU A 120 -20.27 -7.13 -12.30
CA GLU A 120 -19.14 -8.02 -12.12
C GLU A 120 -18.26 -8.03 -13.36
N GLY A 121 -16.95 -7.94 -13.16
CA GLY A 121 -16.03 -7.95 -14.28
C GLY A 121 -15.59 -6.59 -14.76
N ASP A 122 -16.18 -5.54 -14.22
CA ASP A 122 -15.77 -4.20 -14.64
C ASP A 122 -14.41 -3.90 -14.05
N ILE A 123 -13.61 -3.16 -14.80
CA ILE A 123 -12.27 -2.81 -14.36
C ILE A 123 -12.29 -1.45 -13.66
N LEU A 124 -11.97 -1.43 -12.37
CA LEU A 124 -11.93 -0.19 -11.60
C LEU A 124 -10.52 0.37 -11.50
N ILE A 125 -10.39 1.69 -11.48
CA ILE A 125 -9.09 2.32 -11.35
C ILE A 125 -8.82 2.34 -9.84
N GLY A 126 -7.78 1.60 -9.42
CA GLY A 126 -7.45 1.53 -8.00
C GLY A 126 -6.11 2.12 -7.64
N GLY A 127 -5.70 1.95 -6.38
CA GLY A 127 -4.42 2.47 -5.93
C GLY A 127 -3.30 2.07 -6.88
N MET A 128 -2.49 3.03 -7.27
CA MET A 128 -1.42 2.76 -8.23
C MET A 128 -0.11 3.45 -7.87
N PRO A 129 1.01 2.95 -8.38
CA PRO A 129 2.32 3.56 -8.10
C PRO A 129 2.45 4.94 -8.72
N ASP A 130 3.35 5.75 -8.16
CA ASP A 130 3.58 7.10 -8.66
C ASP A 130 4.93 7.19 -9.35
N GLY A 131 5.64 6.07 -9.40
CA GLY A 131 6.94 6.01 -10.06
C GLY A 131 8.04 6.88 -9.47
N GLU A 132 7.69 7.77 -8.53
CA GLU A 132 8.67 8.66 -7.91
C GLU A 132 9.84 7.88 -7.28
N ASP A 133 10.83 8.63 -6.82
CA ASP A 133 11.99 8.04 -6.18
C ASP A 133 11.77 7.98 -4.69
N TYR A 134 12.38 7.00 -4.04
CA TYR A 134 12.25 6.85 -2.60
C TYR A 134 13.63 6.67 -2.01
N LYS A 135 13.83 7.18 -0.80
CA LYS A 135 15.13 7.06 -0.14
C LYS A 135 15.04 6.15 1.08
N PHE A 136 16.07 5.32 1.25
CA PHE A 136 16.17 4.38 2.35
C PHE A 136 16.86 5.07 3.54
N ILE A 137 16.23 5.03 4.71
CA ILE A 137 16.80 5.66 5.90
C ILE A 137 17.00 4.57 6.96
N PHE A 138 18.27 4.27 7.27
CA PHE A 138 18.57 3.21 8.21
C PHE A 138 17.95 3.36 9.59
N ASP A 139 17.89 4.59 10.09
CA ASP A 139 17.30 4.84 11.40
C ASP A 139 15.89 4.26 11.48
N TYR A 140 15.08 4.47 10.45
CA TYR A 140 13.71 3.96 10.47
C TYR A 140 13.66 2.45 10.22
N TRP A 141 14.65 1.93 9.51
CA TRP A 141 14.73 0.48 9.29
C TRP A 141 14.97 -0.17 10.65
N LEU A 142 15.92 0.38 11.41
CA LEU A 142 16.24 -0.18 12.72
C LEU A 142 15.01 -0.14 13.62
N ALA A 143 14.21 0.92 13.49
CA ALA A 143 12.99 1.02 14.29
C ALA A 143 12.03 -0.11 13.89
N GLY A 144 11.95 -0.40 12.60
CA GLY A 144 11.05 -1.46 12.15
C GLY A 144 11.54 -2.83 12.59
N PHE A 145 12.86 -3.02 12.57
CA PHE A 145 13.45 -4.29 12.96
C PHE A 145 13.23 -4.51 14.48
N ILE A 146 13.40 -3.45 15.27
CA ILE A 146 13.16 -3.55 16.72
C ILE A 146 11.70 -3.89 16.96
N ALA A 147 10.81 -3.28 16.18
CA ALA A 147 9.38 -3.54 16.33
C ALA A 147 9.11 -5.05 16.19
N GLY A 148 9.92 -5.73 15.38
CA GLY A 148 9.72 -7.16 15.19
C GLY A 148 10.54 -8.08 16.08
N ASP A 149 11.83 -7.81 16.24
CA ASP A 149 12.69 -8.67 17.07
C ASP A 149 13.34 -7.97 18.25
N GLY A 150 12.77 -6.84 18.69
CA GLY A 150 13.35 -6.12 19.80
C GLY A 150 12.48 -6.26 21.04
N CYS A 151 13.08 -6.02 22.21
CA CYS A 151 12.34 -6.13 23.45
C CYS A 151 12.82 -5.05 24.43
N PHE A 152 11.87 -4.24 24.91
CA PHE A 152 12.19 -3.18 25.87
C PHE A 152 11.74 -3.64 27.24
N ASP A 153 12.54 -3.30 28.25
CA ASP A 153 12.20 -3.64 29.62
C ASP A 153 13.04 -2.75 30.54
N LYS A 154 12.94 -2.96 31.84
CA LYS A 154 13.68 -2.15 32.80
C LYS A 154 14.81 -2.93 33.45
N TYR A 155 16.01 -2.35 33.45
CA TYR A 155 17.15 -2.99 34.06
C TYR A 155 17.54 -2.29 35.37
N HIS A 156 17.54 -3.04 36.47
CA HIS A 156 17.91 -2.51 37.77
C HIS A 156 19.32 -2.98 38.13
N SER A 157 20.28 -2.06 38.17
CA SER A 157 21.66 -2.43 38.49
C SER A 157 21.76 -3.05 39.88
N HIS A 158 21.16 -2.38 40.86
CA HIS A 158 21.18 -2.83 42.25
C HIS A 158 22.56 -2.79 42.88
N VAL A 159 23.48 -2.08 42.25
CA VAL A 159 24.84 -1.94 42.76
C VAL A 159 24.88 -0.79 43.77
N LYS A 160 25.61 -0.98 44.87
CA LYS A 160 25.71 0.05 45.89
C LYS A 160 26.37 1.30 45.33
N GLY A 161 25.75 2.45 45.61
CA GLY A 161 26.29 3.70 45.12
C GLY A 161 25.93 3.93 43.66
N HIS A 162 25.28 2.94 43.05
CA HIS A 162 24.88 3.03 41.66
C HIS A 162 23.50 2.44 41.43
N GLU A 163 22.65 2.55 42.44
CA GLU A 163 21.29 2.01 42.37
C GLU A 163 20.34 2.82 41.51
N TYR A 164 20.39 2.59 40.19
CA TYR A 164 19.53 3.28 39.25
C TYR A 164 18.78 2.31 38.36
N ILE A 165 17.68 2.77 37.78
CA ILE A 165 16.84 1.97 36.91
C ILE A 165 16.93 2.50 35.48
N TYR A 166 17.46 1.67 34.57
CA TYR A 166 17.61 2.08 33.18
C TYR A 166 16.71 1.29 32.24
N ASP A 167 16.37 1.90 31.10
CA ASP A 167 15.57 1.25 30.08
C ASP A 167 16.56 0.33 29.36
N ARG A 168 16.16 -0.89 29.06
CA ARG A 168 17.05 -1.81 28.37
C ARG A 168 16.42 -2.35 27.08
N LEU A 169 17.19 -2.31 26.02
CA LEU A 169 16.76 -2.80 24.72
C LEU A 169 17.59 -4.01 24.25
N ARG A 170 16.93 -5.14 24.07
CA ARG A 170 17.63 -6.31 23.58
C ARG A 170 17.06 -6.64 22.22
N ILE A 171 17.93 -6.82 21.23
CA ILE A 171 17.54 -7.15 19.86
C ILE A 171 18.01 -8.57 19.53
N TYR A 172 17.11 -9.42 19.03
CA TYR A 172 17.45 -10.80 18.70
C TYR A 172 17.31 -11.16 17.22
N ASP A 173 18.14 -12.09 16.76
CA ASP A 173 18.11 -12.56 15.37
C ASP A 173 18.93 -13.85 15.27
N TYR A 174 18.62 -14.66 14.25
CA TYR A 174 19.30 -15.93 14.04
C TYR A 174 20.58 -15.78 13.24
N ARG A 175 20.82 -14.59 12.71
CA ARG A 175 22.02 -14.32 11.93
C ARG A 175 22.90 -13.28 12.62
N ILE A 176 24.20 -13.53 12.62
CA ILE A 176 25.16 -12.62 13.24
C ILE A 176 25.42 -11.43 12.33
N GLU A 177 25.20 -11.62 11.03
CA GLU A 177 25.42 -10.55 10.04
C GLU A 177 24.55 -9.32 10.33
N THR A 178 23.34 -9.56 10.83
CA THR A 178 22.42 -8.47 11.12
C THR A 178 23.02 -7.48 12.12
N PHE A 179 23.63 -8.02 13.17
CA PHE A 179 24.22 -7.21 14.22
C PHE A 179 25.50 -6.49 13.84
N GLU A 180 26.17 -6.97 12.79
CA GLU A 180 27.39 -6.31 12.37
C GLU A 180 27.02 -5.02 11.64
N ILE A 181 25.84 -5.03 11.03
CA ILE A 181 25.34 -3.86 10.31
C ILE A 181 24.83 -2.84 11.33
N ILE A 182 24.11 -3.34 12.33
CA ILE A 182 23.56 -2.47 13.37
C ILE A 182 24.70 -1.81 14.15
N ASN A 183 25.68 -2.61 14.58
CA ASN A 183 26.80 -2.06 15.34
C ASN A 183 27.49 -0.95 14.58
N ASP A 184 27.67 -1.17 13.28
CA ASP A 184 28.32 -0.19 12.43
C ASP A 184 27.55 1.12 12.44
N TYR A 185 26.22 1.01 12.48
CA TYR A 185 25.38 2.20 12.48
C TYR A 185 25.37 2.86 13.84
N LEU A 186 25.24 2.05 14.89
CA LEU A 186 25.22 2.54 16.25
C LEU A 186 26.52 3.22 16.63
N GLU A 187 27.63 2.68 16.13
CA GLU A 187 28.94 3.25 16.44
C GLU A 187 29.13 4.62 15.82
N LYS A 188 28.68 4.79 14.58
CA LYS A 188 28.83 6.06 13.90
C LYS A 188 27.75 7.07 14.24
N THR A 189 26.58 6.58 14.68
CA THR A 189 25.47 7.46 15.01
C THR A 189 25.44 7.83 16.48
N PHE A 190 25.83 6.88 17.33
CA PHE A 190 25.82 7.12 18.77
C PHE A 190 27.17 6.87 19.42
N GLY A 191 28.17 6.56 18.61
CA GLY A 191 29.50 6.29 19.15
C GLY A 191 29.45 5.19 20.20
N ARG A 192 28.74 4.12 19.86
CA ARG A 192 28.61 3.02 20.80
C ARG A 192 28.45 1.72 20.00
N LYS A 193 29.12 0.66 20.43
CA LYS A 193 29.00 -0.64 19.76
C LYS A 193 28.87 -1.72 20.82
N TYR A 194 28.29 -2.85 20.45
CA TYR A 194 28.04 -3.91 21.41
C TYR A 194 28.56 -5.27 21.00
N SER A 195 29.09 -6.00 21.97
CA SER A 195 29.60 -7.31 21.68
C SER A 195 28.35 -8.14 21.39
N ILE A 196 28.42 -8.97 20.35
CA ILE A 196 27.30 -9.82 19.96
C ILE A 196 27.27 -11.07 20.83
N GLN A 197 26.21 -11.21 21.62
CA GLN A 197 26.08 -12.36 22.51
C GLN A 197 25.32 -13.48 21.82
N LYS A 198 25.41 -14.67 22.40
CA LYS A 198 24.72 -15.84 21.86
C LYS A 198 24.10 -16.62 23.01
N ASP A 199 22.90 -17.13 22.80
CA ASP A 199 22.21 -17.89 23.83
C ASP A 199 21.43 -19.06 23.25
N ARG A 200 22.16 -20.07 22.79
CA ARG A 200 21.56 -21.28 22.22
C ARG A 200 20.89 -21.08 20.86
N ASN A 201 21.68 -20.90 19.81
CA ASN A 201 21.16 -20.72 18.45
C ASN A 201 20.67 -19.31 18.11
N ILE A 202 20.57 -18.44 19.11
CA ILE A 202 20.11 -17.09 18.85
C ILE A 202 21.12 -16.02 19.26
N TYR A 203 21.29 -15.01 18.41
CA TYR A 203 22.24 -13.92 18.69
C TYR A 203 21.49 -12.70 19.21
N TYR A 204 22.19 -11.83 19.92
CA TYR A 204 21.56 -10.63 20.45
C TYR A 204 22.55 -9.64 21.05
N ILE A 205 22.12 -8.39 21.12
CA ILE A 205 22.94 -7.35 21.73
C ILE A 205 22.10 -6.75 22.86
N ASP A 206 22.77 -6.31 23.93
CA ASP A 206 22.09 -5.74 25.09
C ASP A 206 22.48 -4.26 25.15
N ILE A 207 21.48 -3.39 24.99
CA ILE A 207 21.72 -1.95 24.96
C ILE A 207 21.10 -1.24 26.16
N LYS A 208 21.91 -0.44 26.86
CA LYS A 208 21.43 0.29 28.02
C LYS A 208 21.79 1.77 27.95
N ALA A 209 22.32 2.20 26.81
CA ALA A 209 22.68 3.61 26.63
C ALA A 209 21.39 4.42 26.60
N ARG A 210 21.30 5.42 27.48
CA ARG A 210 20.09 6.23 27.57
C ARG A 210 19.70 6.93 26.27
N ASN A 211 20.69 7.44 25.53
CA ASN A 211 20.36 8.13 24.30
C ASN A 211 19.84 7.19 23.21
N ILE A 212 20.30 5.95 23.18
CA ILE A 212 19.80 5.01 22.17
C ILE A 212 18.42 4.45 22.54
N THR A 213 18.24 4.04 23.80
CA THR A 213 16.95 3.49 24.21
C THR A 213 15.83 4.52 24.09
N SER A 214 16.06 5.75 24.55
CA SER A 214 15.04 6.77 24.47
C SER A 214 14.74 7.16 23.01
N HIS A 215 15.78 7.17 22.19
CA HIS A 215 15.63 7.49 20.76
C HIS A 215 14.63 6.53 20.15
N TYR A 216 14.83 5.23 20.36
CA TYR A 216 13.92 4.24 19.80
C TYR A 216 12.59 4.05 20.54
N LEU A 217 12.55 4.35 21.83
CA LEU A 217 11.28 4.26 22.56
C LEU A 217 10.33 5.31 21.97
N LYS A 218 10.86 6.52 21.76
CA LYS A 218 10.06 7.61 21.22
C LYS A 218 9.61 7.37 19.78
N LEU A 219 10.41 6.66 18.99
CA LEU A 219 10.01 6.38 17.61
C LEU A 219 8.89 5.35 17.52
N LEU A 220 8.87 4.40 18.45
CA LEU A 220 7.89 3.32 18.45
C LEU A 220 6.66 3.53 19.34
N GLU A 221 6.58 4.69 19.97
CA GLU A 221 5.45 5.04 20.83
C GLU A 221 4.15 4.98 20.01
N GLY A 222 3.19 4.16 20.44
CA GLY A 222 1.94 4.06 19.72
C GLY A 222 1.81 2.86 18.81
N ILE A 223 2.85 2.04 18.73
CA ILE A 223 2.86 0.85 17.87
C ILE A 223 1.65 -0.07 18.10
N ASP A 224 1.05 0.03 19.29
CA ASP A 224 -0.10 -0.80 19.64
C ASP A 224 -1.35 -0.46 18.82
N ASN A 225 -1.45 0.78 18.36
CA ASN A 225 -2.62 1.19 17.57
C ASN A 225 -2.35 1.40 16.09
N GLY A 226 -1.23 0.87 15.60
CA GLY A 226 -0.88 1.02 14.20
C GLY A 226 0.54 1.48 13.99
N ILE A 227 0.83 2.04 12.82
CA ILE A 227 2.18 2.53 12.53
C ILE A 227 2.43 3.71 13.47
N PRO A 228 3.59 3.74 14.14
CA PRO A 228 3.86 4.85 15.05
C PRO A 228 3.73 6.21 14.36
N PRO A 229 3.03 7.15 15.00
CA PRO A 229 2.83 8.50 14.45
C PRO A 229 4.11 9.24 14.09
N GLN A 230 5.14 9.08 14.93
CA GLN A 230 6.43 9.76 14.67
C GLN A 230 7.01 9.31 13.34
N ILE A 231 6.72 8.08 12.98
CA ILE A 231 7.21 7.54 11.71
C ILE A 231 6.27 7.97 10.60
N LEU A 232 5.00 7.62 10.76
CA LEU A 232 3.97 7.93 9.80
C LEU A 232 3.96 9.40 9.39
N LYS A 233 4.05 10.28 10.36
CA LYS A 233 4.03 11.71 10.05
C LYS A 233 5.19 12.12 9.16
N GLU A 234 6.28 11.33 9.16
CA GLU A 234 7.43 11.67 8.34
C GLU A 234 7.32 11.30 6.86
N GLY A 235 6.24 10.63 6.48
CA GLY A 235 6.08 10.30 5.07
C GLY A 235 6.65 8.98 4.55
N LYS A 236 6.49 8.79 3.25
CA LYS A 236 6.92 7.58 2.53
C LYS A 236 8.29 7.02 2.85
N ASN A 237 9.33 7.85 2.75
CA ASN A 237 10.68 7.38 3.02
C ASN A 237 10.85 6.74 4.39
N ALA A 238 10.24 7.33 5.41
CA ALA A 238 10.34 6.81 6.75
C ALA A 238 9.52 5.54 6.92
N VAL A 239 8.29 5.57 6.44
CA VAL A 239 7.41 4.43 6.55
C VAL A 239 7.94 3.23 5.77
N LEU A 240 8.40 3.45 4.54
CA LEU A 240 8.92 2.34 3.74
C LEU A 240 10.19 1.75 4.36
N SER A 241 11.08 2.59 4.87
CA SER A 241 12.29 2.08 5.51
C SER A 241 11.87 1.26 6.73
N PHE A 242 10.85 1.73 7.43
CA PHE A 242 10.32 1.05 8.61
C PHE A 242 9.74 -0.33 8.26
N ILE A 243 8.98 -0.40 7.17
CA ILE A 243 8.39 -1.67 6.76
C ILE A 243 9.48 -2.67 6.37
N ALA A 244 10.50 -2.20 5.69
CA ALA A 244 11.60 -3.06 5.29
C ALA A 244 12.25 -3.70 6.55
N GLY A 245 12.40 -2.90 7.61
CA GLY A 245 12.98 -3.41 8.84
C GLY A 245 12.07 -4.44 9.46
N LEU A 246 10.79 -4.22 9.27
CA LEU A 246 9.76 -5.10 9.80
C LEU A 246 9.80 -6.44 9.05
N PHE A 247 9.96 -6.36 7.74
CA PHE A 247 10.00 -7.56 6.91
C PHE A 247 11.28 -8.35 7.18
N ASP A 248 12.41 -7.64 7.31
CA ASP A 248 13.68 -8.29 7.60
C ASP A 248 13.54 -9.13 8.86
N ALA A 249 12.81 -8.59 9.82
CA ALA A 249 12.60 -9.27 11.09
C ALA A 249 11.63 -10.45 11.07
N GLU A 250 10.44 -10.25 10.51
CA GLU A 250 9.43 -11.31 10.49
C GLU A 250 8.87 -11.69 9.12
N GLY A 251 9.30 -11.02 8.06
CA GLY A 251 8.80 -11.35 6.74
C GLY A 251 9.21 -12.73 6.25
N HIS A 252 8.37 -13.33 5.40
CA HIS A 252 8.62 -14.65 4.84
C HIS A 252 8.35 -14.68 3.32
N VAL A 253 9.26 -15.28 2.57
CA VAL A 253 9.10 -15.39 1.11
C VAL A 253 8.72 -16.84 0.79
N SER A 254 7.60 -17.03 0.09
CA SER A 254 7.15 -18.38 -0.26
C SER A 254 7.41 -18.68 -1.73
N ASN A 255 7.17 -19.93 -2.12
CA ASN A 255 7.37 -20.37 -3.50
C ASN A 255 6.10 -20.31 -4.34
N LYS A 256 5.07 -19.65 -3.83
CA LYS A 256 3.80 -19.54 -4.55
C LYS A 256 3.91 -18.92 -5.94
N PRO A 257 4.70 -17.85 -6.09
CA PRO A 257 5.51 -17.17 -5.08
C PRO A 257 4.72 -16.04 -4.41
N GLY A 258 5.32 -15.43 -3.39
CA GLY A 258 4.67 -14.36 -2.69
C GLY A 258 5.41 -14.03 -1.42
N ILE A 259 4.97 -13.02 -0.70
CA ILE A 259 5.60 -12.65 0.56
C ILE A 259 4.52 -12.58 1.63
N GLU A 260 4.90 -12.88 2.87
CA GLU A 260 3.95 -12.83 3.96
C GLU A 260 4.59 -12.18 5.18
N LEU A 261 3.79 -11.44 5.93
CA LEU A 261 4.23 -10.78 7.14
C LEU A 261 3.09 -10.91 8.15
N GLY A 262 3.28 -11.80 9.12
CA GLY A 262 2.25 -12.03 10.12
C GLY A 262 2.69 -11.62 11.51
N MET A 263 1.75 -11.06 12.26
CA MET A 263 1.99 -10.61 13.62
C MET A 263 0.66 -10.62 14.35
N VAL A 264 0.69 -10.61 15.67
CA VAL A 264 -0.56 -10.60 16.43
C VAL A 264 -1.07 -9.17 16.58
N ASN A 265 -0.25 -8.19 16.21
CA ASN A 265 -0.65 -6.79 16.30
C ASN A 265 -1.52 -6.41 15.09
N LYS A 266 -2.82 -6.73 15.18
CA LYS A 266 -3.79 -6.46 14.13
C LYS A 266 -3.75 -5.03 13.57
N ARG A 267 -3.76 -4.05 14.45
CA ARG A 267 -3.72 -2.66 14.01
C ARG A 267 -2.49 -2.32 13.19
N LEU A 268 -1.32 -2.84 13.57
CA LEU A 268 -0.11 -2.54 12.81
C LEU A 268 -0.18 -3.18 11.42
N ILE A 269 -0.61 -4.43 11.38
CA ILE A 269 -0.72 -5.15 10.11
C ILE A 269 -1.73 -4.48 9.19
N GLU A 270 -2.85 -4.05 9.76
CA GLU A 270 -3.89 -3.37 8.98
C GLU A 270 -3.35 -2.10 8.35
N ASP A 271 -2.65 -1.30 9.15
CA ASP A 271 -2.08 -0.04 8.68
C ASP A 271 -1.07 -0.24 7.56
N VAL A 272 -0.18 -1.21 7.74
CA VAL A 272 0.83 -1.46 6.73
C VAL A 272 0.14 -1.89 5.42
N THR A 273 -0.86 -2.76 5.54
CA THR A 273 -1.59 -3.25 4.37
C THR A 273 -2.21 -2.08 3.61
N HIS A 274 -2.90 -1.20 4.31
CA HIS A 274 -3.51 -0.05 3.67
C HIS A 274 -2.48 0.92 3.13
N TYR A 275 -1.33 1.03 3.81
CA TYR A 275 -0.30 1.94 3.34
C TYR A 275 0.32 1.42 2.05
N LEU A 276 0.53 0.11 1.95
CA LEU A 276 1.11 -0.46 0.73
C LEU A 276 0.14 -0.30 -0.44
N ASN A 277 -1.13 -0.58 -0.20
CA ASN A 277 -2.16 -0.44 -1.24
C ASN A 277 -2.22 0.99 -1.79
N ALA A 278 -2.04 1.97 -0.92
CA ALA A 278 -2.07 3.37 -1.36
C ALA A 278 -0.88 3.70 -2.24
N LEU A 279 0.13 2.85 -2.22
CA LEU A 279 1.32 3.08 -3.04
C LEU A 279 1.31 2.22 -4.31
N GLY A 280 0.23 1.48 -4.53
CA GLY A 280 0.16 0.66 -5.73
C GLY A 280 0.48 -0.80 -5.54
N ILE A 281 0.76 -1.20 -4.30
CA ILE A 281 1.07 -2.60 -4.01
C ILE A 281 -0.17 -3.27 -3.45
N LYS A 282 -0.77 -4.15 -4.25
CA LYS A 282 -1.99 -4.86 -3.88
C LYS A 282 -1.79 -5.90 -2.79
N ALA A 283 -1.86 -5.47 -1.53
CA ALA A 283 -1.69 -6.40 -0.42
C ALA A 283 -3.05 -6.66 0.22
N ARG A 284 -3.17 -7.78 0.91
CA ARG A 284 -4.41 -8.11 1.57
C ARG A 284 -4.09 -8.82 2.87
N ILE A 285 -5.05 -8.85 3.78
CA ILE A 285 -4.86 -9.50 5.06
C ILE A 285 -5.64 -10.82 5.12
N ARG A 286 -5.04 -11.82 5.75
CA ARG A 286 -5.65 -13.11 5.93
C ARG A 286 -5.45 -13.52 7.38
N GLU A 287 -6.45 -14.16 7.97
CA GLU A 287 -6.37 -14.59 9.34
C GLU A 287 -5.91 -16.03 9.43
N LYS A 288 -4.87 -16.27 10.22
CA LYS A 288 -4.30 -17.59 10.39
C LYS A 288 -4.60 -18.14 11.79
N LEU A 289 -5.46 -19.16 11.85
CA LEU A 289 -5.82 -19.77 13.12
C LEU A 289 -4.58 -20.31 13.82
N ARG A 290 -4.28 -19.78 15.00
CA ARG A 290 -3.11 -20.22 15.76
C ARG A 290 -3.54 -20.96 17.03
N LYS A 291 -2.57 -21.32 17.86
CA LYS A 291 -2.83 -22.03 19.10
C LYS A 291 -3.67 -21.24 20.11
N ASP A 292 -3.04 -20.28 20.76
CA ASP A 292 -3.74 -19.47 21.77
C ASP A 292 -4.43 -18.24 21.20
N GLY A 293 -4.31 -18.04 19.89
CA GLY A 293 -4.95 -16.88 19.28
C GLY A 293 -4.94 -16.88 17.76
N ILE A 294 -5.05 -15.69 17.19
CA ILE A 294 -5.05 -15.51 15.74
C ILE A 294 -3.94 -14.58 15.27
N ASP A 295 -3.32 -14.95 14.14
CA ASP A 295 -2.25 -14.15 13.57
C ASP A 295 -2.73 -13.45 12.30
N TYR A 296 -2.47 -12.15 12.23
CA TYR A 296 -2.89 -11.36 11.08
C TYR A 296 -1.76 -11.31 10.07
N VAL A 297 -1.99 -11.95 8.94
CA VAL A 297 -0.99 -12.04 7.89
C VAL A 297 -1.25 -11.21 6.63
N LEU A 298 -0.30 -10.32 6.35
CA LEU A 298 -0.37 -9.49 5.17
C LEU A 298 0.18 -10.36 4.01
N HIS A 299 -0.53 -10.36 2.88
CA HIS A 299 -0.13 -11.15 1.72
C HIS A 299 0.01 -10.33 0.44
N VAL A 300 1.00 -10.70 -0.37
CA VAL A 300 1.23 -10.07 -1.66
C VAL A 300 1.53 -11.23 -2.59
N GLU A 301 0.65 -11.52 -3.54
CA GLU A 301 0.86 -12.63 -4.44
C GLU A 301 0.81 -12.24 -5.91
N GLU A 302 0.22 -11.08 -6.20
CA GLU A 302 0.10 -10.61 -7.57
C GLU A 302 1.51 -10.32 -8.08
N TYR A 303 1.89 -10.96 -9.19
CA TYR A 303 3.22 -10.78 -9.76
C TYR A 303 3.67 -9.33 -9.88
N SER A 304 2.83 -8.50 -10.50
CA SER A 304 3.18 -7.10 -10.70
C SER A 304 3.39 -6.38 -9.36
N SER A 305 2.62 -6.77 -8.34
CA SER A 305 2.74 -6.17 -7.02
C SER A 305 4.02 -6.63 -6.31
N LEU A 306 4.40 -7.88 -6.55
CA LEU A 306 5.61 -8.44 -5.94
C LEU A 306 6.81 -7.71 -6.49
N LEU A 307 6.79 -7.49 -7.80
CA LEU A 307 7.85 -6.78 -8.51
C LEU A 307 7.96 -5.36 -7.96
N ARG A 308 6.81 -4.72 -7.74
CA ARG A 308 6.78 -3.36 -7.22
C ARG A 308 7.25 -3.38 -5.75
N PHE A 309 6.87 -4.42 -5.03
CA PHE A 309 7.27 -4.57 -3.63
C PHE A 309 8.79 -4.66 -3.58
N TYR A 310 9.36 -5.39 -4.53
CA TYR A 310 10.82 -5.55 -4.59
C TYR A 310 11.54 -4.23 -4.83
N GLU A 311 11.00 -3.42 -5.72
CA GLU A 311 11.62 -2.14 -6.05
C GLU A 311 11.55 -1.07 -4.96
N LEU A 312 10.52 -1.12 -4.12
CA LEU A 312 10.37 -0.13 -3.07
C LEU A 312 10.87 -0.61 -1.72
N ILE A 313 10.76 -1.90 -1.46
CA ILE A 313 11.16 -2.46 -0.17
C ILE A 313 12.19 -3.58 -0.28
N GLY A 314 11.90 -4.56 -1.12
CA GLY A 314 12.78 -5.70 -1.28
C GLY A 314 14.26 -5.43 -1.46
N LYS A 315 14.61 -4.52 -2.36
CA LYS A 315 16.03 -4.25 -2.59
C LYS A 315 16.74 -3.62 -1.40
N ASN A 316 15.98 -3.10 -0.45
CA ASN A 316 16.58 -2.45 0.71
C ASN A 316 16.67 -3.39 1.90
N LEU A 317 16.30 -4.65 1.71
CA LEU A 317 16.36 -5.60 2.81
C LEU A 317 17.80 -5.81 3.23
N GLN A 318 18.04 -5.89 4.53
CA GLN A 318 19.38 -6.09 5.06
C GLN A 318 19.76 -7.57 5.19
N ASN A 319 18.75 -8.41 5.33
CA ASN A 319 18.97 -9.85 5.43
C ASN A 319 19.13 -10.34 3.99
N GLU A 320 20.39 -10.51 3.59
CA GLU A 320 20.72 -10.93 2.23
C GLU A 320 20.08 -12.26 1.81
N GLU A 321 19.74 -13.09 2.79
CA GLU A 321 19.13 -14.38 2.50
C GLU A 321 17.68 -14.24 2.01
N LYS A 322 16.92 -13.34 2.63
CA LYS A 322 15.54 -13.12 2.20
C LYS A 322 15.51 -12.35 0.90
N ARG A 323 16.44 -11.42 0.75
CA ARG A 323 16.49 -10.60 -0.45
C ARG A 323 16.74 -11.45 -1.68
N GLU A 324 17.72 -12.35 -1.58
CA GLU A 324 18.04 -13.22 -2.70
C GLU A 324 16.91 -14.16 -3.04
N LYS A 325 16.23 -14.70 -2.03
CA LYS A 325 15.15 -15.62 -2.33
C LYS A 325 14.04 -14.90 -3.08
N LEU A 326 13.77 -13.66 -2.69
CA LEU A 326 12.72 -12.89 -3.33
C LEU A 326 13.06 -12.63 -4.80
N GLU A 327 14.32 -12.35 -5.07
CA GLU A 327 14.76 -12.09 -6.44
C GLU A 327 14.63 -13.33 -7.30
N LYS A 328 14.87 -14.50 -6.70
CA LYS A 328 14.77 -15.76 -7.42
C LYS A 328 13.33 -16.13 -7.75
N VAL A 329 12.44 -16.05 -6.76
CA VAL A 329 11.04 -16.39 -7.02
C VAL A 329 10.43 -15.42 -8.03
N LEU A 330 11.01 -14.21 -8.12
CA LEU A 330 10.52 -13.21 -9.06
C LEU A 330 10.96 -13.50 -10.49
N SER A 331 12.24 -13.84 -10.67
CA SER A 331 12.76 -14.13 -12.00
C SER A 331 12.23 -15.44 -12.55
N ASN A 332 11.47 -16.17 -11.73
CA ASN A 332 10.90 -17.44 -12.15
C ASN A 332 9.40 -17.48 -11.85
N HIS A 333 8.63 -16.70 -12.59
CA HIS A 333 7.19 -16.66 -12.37
C HIS A 333 6.41 -17.25 -13.55
N LYS A 334 5.60 -18.26 -13.23
CA LYS A 334 4.79 -18.96 -14.23
C LYS A 334 3.71 -18.09 -14.86
N GLY A 335 2.95 -17.37 -14.04
CA GLY A 335 1.92 -16.51 -14.60
C GLY A 335 0.55 -16.51 -13.96
N GLY A 336 0.08 -15.31 -13.60
CA GLY A 336 -1.24 -15.16 -13.01
C GLY A 336 -2.21 -15.22 -14.17
N ASN A 337 -3.08 -16.22 -14.17
CA ASN A 337 -4.03 -16.42 -15.26
C ASN A 337 -5.25 -15.51 -15.38
N PHE A 338 -5.59 -14.76 -14.33
CA PHE A 338 -6.77 -13.91 -14.44
C PHE A 338 -6.63 -12.83 -15.52
N GLY A 339 -7.40 -13.00 -16.60
CA GLY A 339 -7.34 -12.07 -17.70
C GLY A 339 -8.22 -10.84 -17.61
N LEU A 340 -7.64 -9.69 -17.93
CA LEU A 340 -8.34 -8.42 -17.92
C LEU A 340 -9.06 -8.28 -19.28
N PRO A 341 -10.32 -7.84 -19.27
CA PRO A 341 -11.06 -7.69 -20.54
C PRO A 341 -10.64 -6.42 -21.25
N LEU A 342 -9.60 -6.53 -22.07
CA LEU A 342 -9.08 -5.42 -22.83
C LEU A 342 -8.96 -5.83 -24.30
N ASN A 343 -9.28 -4.91 -25.20
CA ASN A 343 -9.22 -5.22 -26.61
C ASN A 343 -7.81 -5.07 -27.16
N PHE A 344 -7.34 -6.12 -27.83
CA PHE A 344 -6.00 -6.13 -28.40
C PHE A 344 -5.78 -5.09 -29.50
N ASN A 345 -6.75 -4.93 -30.39
CA ASN A 345 -6.60 -3.95 -31.47
C ASN A 345 -6.41 -2.52 -30.92
N ALA A 346 -7.09 -2.21 -29.84
CA ALA A 346 -6.95 -0.89 -29.22
C ALA A 346 -5.50 -0.75 -28.72
N PHE A 347 -4.99 -1.78 -28.05
CA PHE A 347 -3.61 -1.73 -27.56
C PHE A 347 -2.62 -1.66 -28.71
N LYS A 348 -2.93 -2.40 -29.78
CA LYS A 348 -2.09 -2.45 -30.97
C LYS A 348 -1.89 -1.06 -31.56
N GLU A 349 -2.98 -0.32 -31.71
CA GLU A 349 -2.95 1.04 -32.26
C GLU A 349 -1.99 1.89 -31.43
N TRP A 350 -2.21 1.89 -30.12
CA TRP A 350 -1.38 2.66 -29.20
C TRP A 350 0.10 2.30 -29.29
N ALA A 351 0.40 1.00 -29.19
CA ALA A 351 1.77 0.53 -29.21
C ALA A 351 2.55 0.73 -30.51
N SER A 352 1.84 0.84 -31.63
CA SER A 352 2.51 1.03 -32.92
C SER A 352 3.32 2.32 -32.96
N GLU A 353 2.81 3.34 -32.28
CA GLU A 353 3.47 4.64 -32.21
C GLU A 353 4.93 4.50 -31.75
N TYR A 354 5.25 3.37 -31.10
CA TYR A 354 6.60 3.12 -30.61
C TYR A 354 7.42 2.17 -31.49
N GLY A 355 6.83 1.70 -32.59
CA GLY A 355 7.54 0.79 -33.47
C GLY A 355 7.44 -0.67 -33.05
N VAL A 356 6.53 -0.96 -32.13
CA VAL A 356 6.34 -2.32 -31.65
C VAL A 356 5.70 -3.17 -32.75
N GLU A 357 6.34 -4.30 -33.06
CA GLU A 357 5.82 -5.21 -34.08
C GLU A 357 5.08 -6.38 -33.43
N PHE A 358 4.04 -6.85 -34.09
CA PHE A 358 3.24 -7.96 -33.58
C PHE A 358 3.19 -9.13 -34.55
N LYS A 359 3.25 -10.33 -34.00
CA LYS A 359 3.18 -11.56 -34.79
C LYS A 359 2.22 -12.51 -34.09
N THR A 360 1.76 -13.51 -34.81
CA THR A 360 0.86 -14.50 -34.24
C THR A 360 1.40 -15.89 -34.49
N ASN A 361 1.01 -16.83 -33.64
CA ASN A 361 1.37 -18.23 -33.75
C ASN A 361 0.08 -18.89 -33.33
N GLY A 362 -0.80 -19.14 -34.30
CA GLY A 362 -2.08 -19.72 -33.99
C GLY A 362 -2.84 -18.73 -33.15
N SER A 363 -3.38 -19.20 -32.04
CA SER A 363 -4.15 -18.36 -31.13
C SER A 363 -3.25 -17.53 -30.22
N GLN A 364 -1.94 -17.73 -30.30
CA GLN A 364 -1.01 -17.00 -29.46
C GLN A 364 -0.53 -15.68 -30.08
N THR A 365 -0.41 -14.65 -29.25
CA THR A 365 0.03 -13.32 -29.67
C THR A 365 1.45 -13.07 -29.19
N ILE A 366 2.25 -12.46 -30.06
CA ILE A 366 3.63 -12.16 -29.76
C ILE A 366 3.99 -10.71 -30.08
N ALA A 367 4.72 -10.06 -29.18
CA ALA A 367 5.15 -8.69 -29.39
C ALA A 367 6.65 -8.70 -29.59
N ILE A 368 7.13 -7.87 -30.51
CA ILE A 368 8.56 -7.79 -30.77
C ILE A 368 9.04 -6.39 -30.42
N ILE A 369 9.92 -6.33 -29.43
CA ILE A 369 10.50 -5.08 -28.93
C ILE A 369 12.02 -5.21 -28.95
N ASN A 370 12.67 -4.45 -29.83
CA ASN A 370 14.14 -4.49 -29.93
C ASN A 370 14.61 -5.89 -30.25
N ASP A 371 14.03 -6.47 -31.29
CA ASP A 371 14.41 -7.82 -31.68
C ASP A 371 13.97 -8.87 -30.66
N GLU A 372 13.69 -8.47 -29.41
CA GLU A 372 13.25 -9.50 -28.47
C GLU A 372 11.79 -9.92 -28.65
N ARG A 373 11.51 -11.20 -28.45
CA ARG A 373 10.16 -11.72 -28.62
C ARG A 373 9.47 -11.90 -27.27
N ILE A 374 8.30 -11.28 -27.13
CA ILE A 374 7.54 -11.37 -25.89
C ILE A 374 6.14 -11.93 -26.11
N SER A 375 5.81 -12.99 -25.38
CA SER A 375 4.50 -13.62 -25.49
C SER A 375 3.44 -12.81 -24.76
N LEU A 376 2.30 -12.60 -25.41
CA LEU A 376 1.21 -11.86 -24.81
C LEU A 376 0.02 -12.80 -24.62
N GLY A 377 0.33 -14.07 -24.39
CA GLY A 377 -0.71 -15.06 -24.22
C GLY A 377 -1.55 -15.16 -25.48
N GLN A 378 -2.85 -15.40 -25.32
CA GLN A 378 -3.78 -15.52 -26.44
C GLN A 378 -4.58 -14.23 -26.60
N TRP A 379 -3.92 -13.10 -26.39
CA TRP A 379 -4.61 -11.80 -26.46
C TRP A 379 -5.41 -11.48 -27.72
N HIS A 380 -4.76 -11.50 -28.89
CA HIS A 380 -5.45 -11.14 -30.13
C HIS A 380 -6.64 -12.01 -30.51
N THR A 381 -6.79 -13.13 -29.81
CA THR A 381 -7.87 -14.03 -30.14
C THR A 381 -8.92 -14.11 -29.03
N ARG A 382 -8.57 -13.72 -27.81
CA ARG A 382 -9.54 -13.76 -26.70
C ARG A 382 -9.94 -12.37 -26.21
N ASN A 383 -9.18 -11.35 -26.58
CA ASN A 383 -9.42 -9.99 -26.13
C ASN A 383 -9.42 -9.98 -24.60
N ARG A 384 -8.52 -10.81 -24.07
CA ARG A 384 -8.31 -10.94 -22.64
C ARG A 384 -6.81 -11.14 -22.45
N VAL A 385 -6.25 -10.51 -21.44
CA VAL A 385 -4.83 -10.62 -21.16
C VAL A 385 -4.60 -10.47 -19.66
N SER A 386 -3.65 -11.24 -19.13
CA SER A 386 -3.38 -11.19 -17.70
C SER A 386 -2.52 -9.98 -17.33
N LYS A 387 -2.82 -9.39 -16.19
CA LYS A 387 -2.09 -8.21 -15.72
C LYS A 387 -0.58 -8.46 -15.73
N ALA A 388 -0.19 -9.65 -15.29
CA ALA A 388 1.21 -10.01 -15.21
C ALA A 388 1.92 -9.91 -16.57
N VAL A 389 1.32 -10.55 -17.57
CA VAL A 389 1.86 -10.55 -18.93
C VAL A 389 1.95 -9.14 -19.50
N LEU A 390 0.90 -8.36 -19.27
CA LEU A 390 0.87 -7.00 -19.79
C LEU A 390 1.87 -6.12 -19.05
N VAL A 391 2.02 -6.36 -17.75
CA VAL A 391 2.97 -5.57 -16.98
C VAL A 391 4.40 -5.87 -17.44
N LYS A 392 4.68 -7.13 -17.75
CA LYS A 392 6.01 -7.53 -18.21
C LYS A 392 6.38 -6.88 -19.53
N MET A 393 5.42 -6.86 -20.45
CA MET A 393 5.63 -6.25 -21.76
C MET A 393 5.85 -4.74 -21.64
N LEU A 394 5.06 -4.07 -20.80
CA LEU A 394 5.19 -2.63 -20.65
C LEU A 394 6.48 -2.20 -19.97
N ARG A 395 7.00 -3.05 -19.09
CA ARG A 395 8.26 -2.73 -18.43
C ARG A 395 9.36 -2.81 -19.46
N LYS A 396 9.20 -3.72 -20.43
CA LYS A 396 10.17 -3.90 -21.49
C LYS A 396 10.07 -2.71 -22.45
N LEU A 397 8.84 -2.33 -22.77
CA LEU A 397 8.62 -1.21 -23.67
C LEU A 397 9.17 0.08 -23.07
N TYR A 398 9.04 0.24 -21.76
CA TYR A 398 9.56 1.43 -21.11
C TYR A 398 11.09 1.41 -21.09
N GLU A 399 11.68 0.24 -20.84
CA GLU A 399 13.13 0.10 -20.82
C GLU A 399 13.74 0.45 -22.18
N ALA A 400 12.98 0.22 -23.25
CA ALA A 400 13.46 0.49 -24.60
C ALA A 400 13.19 1.90 -25.09
N THR A 401 12.23 2.58 -24.48
CA THR A 401 11.89 3.92 -24.92
C THR A 401 12.13 5.02 -23.89
N LYS A 402 12.04 4.69 -22.61
CA LYS A 402 12.24 5.67 -21.53
C LYS A 402 11.20 6.79 -21.66
N ASP A 403 10.09 6.49 -22.31
CA ASP A 403 9.02 7.45 -22.52
C ASP A 403 8.00 7.46 -21.37
N GLU A 404 7.76 8.65 -20.80
CA GLU A 404 6.82 8.84 -19.70
C GLU A 404 5.39 8.36 -19.94
N GLU A 405 4.95 8.42 -21.20
CA GLU A 405 3.61 7.97 -21.55
C GLU A 405 3.51 6.47 -21.29
N VAL A 406 4.57 5.74 -21.62
CA VAL A 406 4.60 4.29 -21.42
C VAL A 406 4.57 4.00 -19.92
N LYS A 407 5.38 4.75 -19.17
CA LYS A 407 5.45 4.56 -17.74
C LYS A 407 4.10 4.80 -17.10
N ARG A 408 3.37 5.76 -17.68
CA ARG A 408 2.06 6.07 -17.15
C ARG A 408 1.06 4.93 -17.39
N MET A 409 1.08 4.40 -18.63
CA MET A 409 0.26 3.23 -18.92
C MET A 409 0.58 2.08 -17.95
N LEU A 410 1.87 1.87 -17.68
CA LEU A 410 2.29 0.79 -16.79
C LEU A 410 1.65 0.93 -15.40
N HIS A 411 1.78 2.11 -14.81
CA HIS A 411 1.22 2.36 -13.48
C HIS A 411 -0.28 2.20 -13.48
N LEU A 412 -0.94 2.66 -14.53
CA LEU A 412 -2.39 2.54 -14.64
C LEU A 412 -2.78 1.07 -14.54
N ILE A 413 -2.11 0.22 -15.31
CA ILE A 413 -2.40 -1.22 -15.31
C ILE A 413 -2.14 -1.86 -13.94
N GLU A 414 -1.01 -1.52 -13.33
CA GLU A 414 -0.68 -2.08 -12.02
C GLU A 414 -1.78 -1.82 -10.98
N GLY A 415 -2.44 -0.67 -11.07
CA GLY A 415 -3.48 -0.35 -10.10
C GLY A 415 -4.89 -0.92 -10.32
N LEU A 416 -5.14 -1.46 -11.50
CA LEU A 416 -6.46 -2.02 -11.84
C LEU A 416 -6.98 -3.12 -10.94
N GLU A 417 -8.27 -3.05 -10.66
CA GLU A 417 -8.94 -4.07 -9.88
C GLU A 417 -10.22 -4.45 -10.63
N VAL A 418 -10.77 -5.62 -10.35
CA VAL A 418 -11.96 -6.03 -11.04
C VAL A 418 -13.10 -6.32 -10.07
N VAL A 419 -14.28 -5.80 -10.41
CA VAL A 419 -15.47 -5.99 -9.57
C VAL A 419 -15.82 -7.48 -9.54
N ARG A 420 -15.91 -8.04 -8.34
CA ARG A 420 -16.26 -9.45 -8.22
C ARG A 420 -17.68 -9.60 -7.68
N HIS A 421 -18.00 -8.87 -6.62
CA HIS A 421 -19.33 -8.94 -6.01
C HIS A 421 -19.96 -7.55 -5.85
N ILE A 422 -21.28 -7.51 -5.98
CA ILE A 422 -22.05 -6.28 -5.84
C ILE A 422 -23.36 -6.59 -5.12
N THR A 423 -23.49 -6.11 -3.89
CA THR A 423 -24.69 -6.34 -3.10
C THR A 423 -25.33 -5.01 -2.68
N THR A 424 -26.54 -5.09 -2.13
CA THR A 424 -27.29 -3.91 -1.69
C THR A 424 -27.71 -4.04 -0.22
N THR A 425 -28.24 -2.96 0.35
CA THR A 425 -28.71 -2.91 1.74
C THR A 425 -29.38 -1.56 1.98
N ASN A 426 -30.19 -1.47 3.03
CA ASN A 426 -30.87 -0.23 3.38
C ASN A 426 -30.70 0.12 4.85
N GLU A 427 -29.76 -0.56 5.49
CA GLU A 427 -29.45 -0.36 6.90
C GLU A 427 -28.93 1.05 7.29
N PRO A 428 -29.08 1.43 8.58
CA PRO A 428 -28.63 2.72 9.11
C PRO A 428 -27.18 2.95 8.76
N ARG A 429 -26.93 3.90 7.87
CA ARG A 429 -25.57 4.18 7.48
C ARG A 429 -25.26 5.67 7.40
N THR A 430 -24.18 6.06 8.09
CA THR A 430 -23.70 7.43 8.09
C THR A 430 -22.50 7.45 7.17
N PHE A 431 -22.62 8.16 6.05
CA PHE A 431 -21.55 8.27 5.08
C PHE A 431 -20.80 9.60 5.15
N TYR A 432 -19.61 9.62 4.60
CA TYR A 432 -18.80 10.83 4.58
C TYR A 432 -18.30 11.01 3.17
N ASP A 433 -17.89 12.23 2.83
CA ASP A 433 -17.37 12.51 1.51
C ASP A 433 -16.47 13.72 1.61
N LEU A 434 -15.66 13.92 0.58
CA LEU A 434 -14.72 15.03 0.57
C LEU A 434 -14.84 15.79 -0.72
N THR A 435 -14.87 17.12 -0.64
CA THR A 435 -14.92 17.90 -1.86
C THR A 435 -13.48 18.22 -2.19
N VAL A 436 -13.00 17.63 -3.27
CA VAL A 436 -11.62 17.83 -3.71
C VAL A 436 -11.60 18.81 -4.87
N GLU A 437 -10.82 19.86 -4.71
CA GLU A 437 -10.70 20.89 -5.73
C GLU A 437 -10.15 20.36 -7.04
N ASN A 438 -10.88 20.64 -8.12
CA ASN A 438 -10.50 20.26 -9.48
C ASN A 438 -10.68 18.80 -9.89
N TYR A 439 -9.98 17.90 -9.20
CA TYR A 439 -10.03 16.48 -9.54
C TYR A 439 -11.30 15.77 -9.09
N GLN A 440 -11.90 16.25 -8.01
CA GLN A 440 -13.15 15.67 -7.52
C GLN A 440 -13.15 14.17 -7.21
N ASN A 441 -12.07 13.67 -6.65
CA ASN A 441 -11.99 12.26 -6.27
C ASN A 441 -10.80 12.09 -5.35
N TYR A 442 -10.82 11.05 -4.53
CA TYR A 442 -9.73 10.79 -3.60
C TYR A 442 -9.57 9.28 -3.43
N LEU A 443 -8.42 8.88 -2.89
CA LEU A 443 -8.10 7.48 -2.67
C LEU A 443 -8.52 7.01 -1.27
N ALA A 444 -9.31 5.93 -1.21
CA ALA A 444 -9.78 5.39 0.08
C ALA A 444 -10.44 4.04 -0.11
N GLY A 445 -10.74 3.36 1.01
CA GLY A 445 -11.38 2.06 0.95
C GLY A 445 -11.09 1.14 2.13
N GLU A 446 -11.71 -0.03 2.12
CA GLU A 446 -11.51 -1.04 3.16
C GLU A 446 -10.79 -2.24 2.57
N ASN A 447 -9.73 -2.69 3.23
CA ASN A 447 -8.94 -3.82 2.75
C ASN A 447 -8.50 -3.57 1.32
N GLY A 448 -8.20 -2.30 1.05
CA GLY A 448 -7.77 -1.90 -0.27
C GLY A 448 -8.02 -0.42 -0.44
N MET A 449 -7.52 0.13 -1.53
CA MET A 449 -7.66 1.54 -1.85
C MET A 449 -8.14 1.72 -3.28
N ILE A 450 -9.21 2.50 -3.46
CA ILE A 450 -9.75 2.76 -4.78
C ILE A 450 -10.13 4.22 -4.91
N PHE A 451 -10.04 4.76 -6.13
CA PHE A 451 -10.39 6.16 -6.35
C PHE A 451 -11.91 6.37 -6.44
N VAL A 452 -12.45 7.04 -5.42
CA VAL A 452 -13.87 7.35 -5.36
C VAL A 452 -14.10 8.77 -5.85
N HIS A 453 -15.07 8.94 -6.73
CA HIS A 453 -15.38 10.25 -7.31
C HIS A 453 -16.48 10.97 -6.54
N ASN A 454 -16.46 12.30 -6.54
CA ASN A 454 -17.47 13.09 -5.86
C ASN A 454 -18.83 12.92 -6.55
#